data_6L2N
#
_entry.id   6L2N
#
_cell.length_a   83.682
_cell.length_b   83.682
_cell.length_c   140.346
_cell.angle_alpha   90.000
_cell.angle_beta   90.000
_cell.angle_gamma   120.000
#
_symmetry.space_group_name_H-M   'P 32 2 1'
#
loop_
_entity.id
_entity.type
_entity.pdbx_description
1 polymer 'RE_R_Pab1 domain-containing protein'
2 polymer "DNA (5'-D(*TP*CP*AP*GP*CP*AP*GP*TP*AP*CP*TP*AP*AP*GP*TP*AP*CP*TP*GP*CP*TP*GP*A)-3')"
#
loop_
_entity_poly.entity_id
_entity_poly.type
_entity_poly.pdbx_seq_one_letter_code
_entity_poly.pdbx_strand_id
1 'polypeptide(L)'
;MEASVSFENGKIVVRLPITRPTSKIRVKKIENGVGIPVSTRKKSFPSDENLRDYYIEWQISFARDGKYDYELSRMVRLAH
EHGILTYNDIYELLKFADDVKSYLEDKGIRRESTNEELYGFNIYEDVYPVAKKELPSGEFIGIVLKHAQRAVGYQSMVYV
CIPLTNVEPSLAGRVARRNEVVKYEVPVDLMKELLKAFIIASETHKNDIVKFLRSIIGTS
;
A,B
2 'polydeoxyribonucleotide'
;(DT)(DC)(DA)(DG)(DC)(DA)(DG)(DT)(DA)(DC)(DT)(DA)(DA)(DG)(DT)(DA)(DC)(DT)(DG)(DC)
(DT)(DG)(DA)
;
C
#
# COMPACT_ATOMS: atom_id res chain seq x y z
N MET A 1 7.78 -17.53 4.07
CA MET A 1 7.46 -17.99 5.42
C MET A 1 5.98 -18.34 5.53
N GLU A 2 5.67 -19.40 6.29
CA GLU A 2 4.29 -19.78 6.56
C GLU A 2 4.16 -20.21 8.01
N ALA A 3 2.98 -19.95 8.57
CA ALA A 3 2.71 -20.30 9.95
C ALA A 3 2.32 -21.77 10.06
N SER A 4 2.74 -22.39 11.16
CA SER A 4 2.44 -23.79 11.40
C SER A 4 0.99 -23.94 11.84
N VAL A 5 0.28 -24.90 11.25
CA VAL A 5 -1.10 -25.21 11.60
C VAL A 5 -1.15 -26.64 12.10
N SER A 6 -1.73 -26.84 13.28
CA SER A 6 -1.73 -28.16 13.89
C SER A 6 -2.98 -28.32 14.75
N PHE A 7 -3.24 -29.57 15.13
CA PHE A 7 -4.32 -29.94 16.02
C PHE A 7 -3.73 -30.49 17.30
N GLU A 8 -4.20 -29.97 18.44
CA GLU A 8 -3.76 -30.49 19.73
C GLU A 8 -4.85 -30.27 20.77
N ASN A 9 -5.17 -31.33 21.51
CA ASN A 9 -6.11 -31.25 22.63
C ASN A 9 -7.48 -30.73 22.19
N GLY A 10 -7.94 -31.18 21.03
CA GLY A 10 -9.23 -30.77 20.53
C GLY A 10 -9.31 -29.33 20.09
N LYS A 11 -8.18 -28.67 19.87
CA LYS A 11 -8.15 -27.28 19.45
C LYS A 11 -7.22 -27.14 18.25
N ILE A 12 -7.69 -26.42 17.22
CA ILE A 12 -6.82 -26.06 16.12
C ILE A 12 -5.87 -24.96 16.59
N VAL A 13 -4.58 -25.18 16.40
CA VAL A 13 -3.54 -24.29 16.92
C VAL A 13 -2.68 -23.82 15.75
N VAL A 14 -2.42 -22.52 15.69
CA VAL A 14 -1.49 -21.94 14.73
C VAL A 14 -0.32 -21.36 15.50
N ARG A 15 0.88 -21.52 14.94
CA ARG A 15 2.09 -20.96 15.53
C ARG A 15 2.50 -19.75 14.71
N LEU A 16 2.43 -18.57 15.33
CA LEU A 16 2.63 -17.31 14.63
C LEU A 16 4.00 -16.73 14.96
N PRO A 17 4.84 -16.49 13.96
CA PRO A 17 6.14 -15.86 14.25
C PRO A 17 5.96 -14.40 14.63
N ILE A 18 6.77 -13.96 15.59
CA ILE A 18 6.71 -12.59 16.10
C ILE A 18 8.01 -11.84 15.86
N THR A 19 8.89 -12.37 15.00
CA THR A 19 10.17 -11.74 14.71
C THR A 19 10.38 -11.54 13.21
N ARG A 20 9.30 -11.50 12.44
CA ARG A 20 9.35 -11.24 11.00
C ARG A 20 8.45 -10.06 10.69
N PRO A 21 8.87 -8.85 11.04
CA PRO A 21 7.97 -7.68 10.93
C PRO A 21 7.63 -7.32 9.49
N THR A 22 8.32 -7.89 8.50
CA THR A 22 8.10 -7.58 7.10
C THR A 22 7.20 -8.60 6.40
N SER A 23 6.66 -9.57 7.14
CA SER A 23 5.92 -10.69 6.60
C SER A 23 4.41 -10.46 6.69
N LYS A 24 3.65 -11.46 6.25
CA LYS A 24 2.20 -11.43 6.41
C LYS A 24 1.77 -11.46 7.86
N ILE A 25 2.67 -11.88 8.77
CA ILE A 25 2.39 -11.93 10.20
C ILE A 25 3.36 -10.98 10.87
N ARG A 26 2.83 -9.90 11.46
CA ARG A 26 3.65 -8.85 12.05
C ARG A 26 3.02 -8.37 13.33
N VAL A 27 3.86 -8.05 14.32
CA VAL A 27 3.39 -7.54 15.60
C VAL A 27 3.27 -6.03 15.51
N LYS A 28 2.12 -5.51 15.92
CA LYS A 28 1.86 -4.08 15.86
C LYS A 28 1.46 -3.55 17.23
N LYS A 29 1.34 -2.23 17.31
CA LYS A 29 0.94 -1.54 18.53
C LYS A 29 0.09 -0.34 18.13
N ILE A 30 -1.11 -0.26 18.70
CA ILE A 30 -2.02 0.84 18.40
C ILE A 30 -1.60 2.08 19.19
N GLU A 31 -1.26 3.15 18.48
CA GLU A 31 -0.91 4.42 19.08
C GLU A 31 -1.78 5.50 18.46
N ASN A 32 -2.73 6.02 19.25
CA ASN A 32 -3.69 7.03 18.79
C ASN A 32 -4.54 6.50 17.63
N GLY A 33 -4.92 5.23 17.72
CA GLY A 33 -5.83 4.64 16.76
C GLY A 33 -5.22 4.11 15.49
N VAL A 34 -3.89 3.99 15.42
CA VAL A 34 -3.20 3.48 14.24
C VAL A 34 -2.23 2.40 14.68
N GLY A 35 -2.26 1.27 13.97
CA GLY A 35 -1.34 0.19 14.25
C GLY A 35 0.08 0.55 13.82
N ILE A 36 0.99 0.65 14.78
CA ILE A 36 2.39 0.97 14.51
C ILE A 36 3.22 -0.31 14.57
N PRO A 37 4.17 -0.50 13.66
CA PRO A 37 5.03 -1.69 13.75
C PRO A 37 5.94 -1.65 14.97
N VAL A 38 6.23 -2.83 15.51
CA VAL A 38 7.01 -2.98 16.73
C VAL A 38 8.26 -3.77 16.42
N SER A 39 9.41 -3.26 16.89
CA SER A 39 10.67 -4.00 16.84
C SER A 39 10.73 -4.88 18.08
N THR A 40 10.15 -6.08 17.98
CA THR A 40 10.03 -6.96 19.14
C THR A 40 11.36 -7.52 19.61
N ARG A 41 12.46 -7.27 18.89
CA ARG A 41 13.75 -7.82 19.26
C ARG A 41 14.70 -6.78 19.86
N LYS A 42 14.24 -5.54 20.10
CA LYS A 42 15.11 -4.56 20.73
C LYS A 42 14.40 -3.80 21.83
N LYS A 43 13.10 -3.56 21.70
CA LYS A 43 12.30 -2.94 22.75
C LYS A 43 11.43 -4.00 23.42
N SER A 44 11.49 -4.06 24.74
CA SER A 44 10.80 -5.11 25.48
C SER A 44 9.32 -4.78 25.64
N PHE A 45 8.50 -5.82 25.54
CA PHE A 45 7.06 -5.67 25.75
C PHE A 45 6.80 -5.17 27.16
N PRO A 46 5.75 -4.37 27.35
CA PRO A 46 5.43 -3.87 28.69
C PRO A 46 4.81 -4.97 29.55
N SER A 47 5.21 -5.00 30.81
CA SER A 47 4.59 -5.90 31.79
C SER A 47 3.39 -5.28 32.47
N ASP A 48 3.17 -3.97 32.30
CA ASP A 48 2.06 -3.29 32.94
C ASP A 48 0.84 -3.30 32.01
N GLU A 49 -0.23 -2.64 32.47
CA GLU A 49 -1.42 -2.39 31.66
C GLU A 49 -1.02 -1.61 30.41
N ASN A 50 -1.88 -1.65 29.38
CA ASN A 50 -1.68 -1.07 28.05
C ASN A 50 -0.84 -2.01 27.19
N LEU A 51 -0.58 -3.23 27.67
CA LEU A 51 -0.08 -4.29 26.81
C LEU A 51 -1.15 -4.75 25.82
N ARG A 52 -2.43 -4.45 26.08
CA ARG A 52 -3.50 -4.83 25.17
C ARG A 52 -3.33 -4.17 23.81
N ASP A 53 -2.87 -2.92 23.79
CA ASP A 53 -2.68 -2.20 22.53
C ASP A 53 -1.72 -2.91 21.58
N TYR A 54 -0.99 -3.92 22.07
CA TYR A 54 -0.15 -4.74 21.23
C TYR A 54 -0.95 -5.93 20.71
N TYR A 55 -0.79 -6.23 19.43
CA TYR A 55 -1.52 -7.32 18.80
C TYR A 55 -0.72 -7.87 17.64
N ILE A 56 -1.13 -9.04 17.16
CA ILE A 56 -0.58 -9.66 15.97
C ILE A 56 -1.59 -9.49 14.84
N GLU A 57 -1.16 -8.91 13.74
CA GLU A 57 -2.00 -8.74 12.56
C GLU A 57 -1.57 -9.75 11.51
N TRP A 58 -2.51 -10.59 11.08
CA TRP A 58 -2.22 -11.72 10.20
C TRP A 58 -3.02 -11.55 8.92
N GLN A 59 -2.32 -11.28 7.82
CA GLN A 59 -2.95 -11.22 6.50
C GLN A 59 -3.16 -12.65 6.03
N ILE A 60 -4.34 -13.19 6.33
CA ILE A 60 -4.62 -14.60 6.11
C ILE A 60 -5.23 -14.81 4.73
N SER A 61 -4.80 -15.87 4.06
CA SER A 61 -5.33 -16.27 2.76
C SER A 61 -6.08 -17.59 2.89
N PHE A 62 -6.97 -17.85 1.94
CA PHE A 62 -7.71 -19.10 1.91
C PHE A 62 -7.17 -20.09 0.89
N ALA A 63 -6.79 -19.61 -0.29
CA ALA A 63 -6.40 -20.46 -1.40
C ALA A 63 -4.93 -20.30 -1.73
N ARG A 64 -4.43 -21.24 -2.56
CA ARG A 64 -3.09 -21.19 -3.11
C ARG A 64 -2.98 -22.20 -4.25
N ASP A 65 -2.45 -21.76 -5.39
CA ASP A 65 -2.35 -22.59 -6.60
C ASP A 65 -3.72 -23.08 -7.07
N GLY A 66 -4.76 -22.30 -6.79
CA GLY A 66 -6.11 -22.79 -7.04
C GLY A 66 -6.48 -23.98 -6.18
N LYS A 67 -5.73 -24.23 -5.12
CA LYS A 67 -5.96 -25.34 -4.21
C LYS A 67 -6.30 -24.80 -2.83
N TYR A 68 -6.86 -25.69 -2.01
CA TYR A 68 -7.30 -25.31 -0.67
C TYR A 68 -6.51 -26.08 0.37
N ASP A 69 -5.20 -25.97 0.31
CA ASP A 69 -4.27 -26.59 1.24
C ASP A 69 -3.32 -25.54 1.79
N TYR A 70 -3.88 -24.44 2.29
CA TYR A 70 -3.08 -23.29 2.68
C TYR A 70 -3.79 -22.50 3.78
N GLU A 71 -3.10 -22.30 4.90
CA GLU A 71 -3.54 -21.44 5.99
C GLU A 71 -4.98 -21.75 6.44
N LEU A 72 -5.94 -20.93 5.99
CA LEU A 72 -7.31 -21.06 6.47
C LEU A 72 -7.91 -22.41 6.06
N SER A 73 -7.71 -22.80 4.80
CA SER A 73 -8.22 -24.10 4.37
C SER A 73 -7.54 -25.25 5.09
N ARG A 74 -6.25 -25.09 5.44
CA ARG A 74 -5.58 -26.07 6.27
C ARG A 74 -6.24 -26.17 7.64
N MET A 75 -6.56 -25.01 8.24
CA MET A 75 -7.21 -25.00 9.54
C MET A 75 -8.60 -25.62 9.47
N VAL A 76 -9.41 -25.18 8.49
CA VAL A 76 -10.79 -25.65 8.39
C VAL A 76 -10.82 -27.16 8.14
N ARG A 77 -9.91 -27.66 7.29
CA ARG A 77 -9.88 -29.09 7.02
C ARG A 77 -9.58 -29.88 8.29
N LEU A 78 -8.55 -29.49 9.03
CA LEU A 78 -8.23 -30.17 10.28
C LEU A 78 -9.38 -30.09 11.26
N ALA A 79 -10.03 -28.92 11.36
CA ALA A 79 -11.16 -28.76 12.24
C ALA A 79 -12.31 -29.68 11.85
N HIS A 80 -12.53 -29.84 10.55
CA HIS A 80 -13.54 -30.79 10.10
C HIS A 80 -13.12 -32.23 10.41
N GLU A 81 -11.86 -32.57 10.13
CA GLU A 81 -11.36 -33.91 10.35
C GLU A 81 -11.42 -34.34 11.82
N HIS A 82 -11.39 -33.39 12.75
CA HIS A 82 -11.33 -33.69 14.17
C HIS A 82 -12.64 -33.36 14.90
N GLY A 83 -13.74 -33.27 14.18
CA GLY A 83 -15.03 -32.96 14.79
C GLY A 83 -15.13 -31.59 15.43
N ILE A 84 -14.19 -30.70 15.14
CA ILE A 84 -14.22 -29.36 15.71
C ILE A 84 -15.25 -28.49 14.98
N LEU A 85 -15.32 -28.62 13.66
CA LEU A 85 -16.33 -27.96 12.83
C LEU A 85 -17.31 -29.03 12.36
N THR A 86 -18.53 -29.00 12.89
CA THR A 86 -19.48 -30.07 12.70
C THR A 86 -20.19 -29.95 11.35
N TYR A 87 -20.94 -31.01 11.01
CA TYR A 87 -21.75 -31.01 9.80
C TYR A 87 -22.72 -29.84 9.79
N ASN A 88 -23.38 -29.56 10.92
CA ASN A 88 -24.32 -28.46 11.00
C ASN A 88 -23.62 -27.11 10.87
N ASP A 89 -22.37 -27.01 11.36
CA ASP A 89 -21.61 -25.77 11.19
C ASP A 89 -21.41 -25.46 9.71
N ILE A 90 -20.96 -26.45 8.94
CA ILE A 90 -20.63 -26.21 7.55
C ILE A 90 -21.88 -26.05 6.70
N TYR A 91 -22.93 -26.83 7.00
CA TYR A 91 -24.17 -26.74 6.24
C TYR A 91 -24.75 -25.33 6.31
N GLU A 92 -24.82 -24.77 7.51
CA GLU A 92 -25.37 -23.42 7.67
C GLU A 92 -24.43 -22.33 7.20
N LEU A 93 -23.12 -22.61 7.17
CA LEU A 93 -22.19 -21.69 6.52
C LEU A 93 -22.50 -21.58 5.03
N LEU A 94 -22.82 -22.72 4.40
CA LEU A 94 -23.21 -22.70 3.00
C LEU A 94 -24.54 -21.98 2.78
N LYS A 95 -25.47 -22.11 3.73
CA LYS A 95 -26.73 -21.38 3.62
C LYS A 95 -26.52 -19.88 3.78
N PHE A 96 -25.55 -19.48 4.61
CA PHE A 96 -25.19 -18.07 4.69
C PHE A 96 -24.56 -17.58 3.40
N ALA A 97 -23.80 -18.45 2.72
CA ALA A 97 -23.19 -18.05 1.45
C ALA A 97 -24.22 -17.95 0.34
N ASP A 98 -25.26 -18.78 0.37
CA ASP A 98 -26.31 -18.69 -0.64
C ASP A 98 -27.10 -17.40 -0.51
N ASP A 99 -27.29 -16.90 0.71
CA ASP A 99 -28.07 -15.69 0.93
C ASP A 99 -27.28 -14.41 0.66
N VAL A 100 -25.95 -14.46 0.66
CA VAL A 100 -25.16 -13.25 0.48
C VAL A 100 -25.26 -12.81 -0.97
N LYS A 101 -25.74 -11.59 -1.19
CA LYS A 101 -25.97 -11.06 -2.54
C LYS A 101 -25.12 -9.84 -2.86
N SER A 102 -24.54 -9.18 -1.87
CA SER A 102 -23.63 -8.06 -2.09
C SER A 102 -22.33 -8.32 -1.34
N TYR A 103 -21.26 -7.70 -1.82
CA TYR A 103 -19.93 -7.97 -1.32
C TYR A 103 -19.15 -6.67 -1.12
N LEU A 104 -18.10 -6.76 -0.31
CA LEU A 104 -17.22 -5.61 -0.09
C LEU A 104 -16.63 -5.10 -1.40
N GLU A 105 -16.36 -6.02 -2.34
CA GLU A 105 -15.82 -5.63 -3.64
C GLU A 105 -16.78 -4.71 -4.41
N ASP A 106 -18.08 -4.76 -4.11
CA ASP A 106 -19.05 -3.95 -4.83
C ASP A 106 -18.93 -2.46 -4.49
N LYS A 107 -18.32 -2.12 -3.35
CA LYS A 107 -18.16 -0.71 -3.00
C LYS A 107 -17.15 -0.02 -3.90
N GLY A 108 -16.14 -0.73 -4.37
CA GLY A 108 -15.20 -0.20 -5.33
C GLY A 108 -14.24 0.82 -4.73
N ILE A 109 -13.36 1.32 -5.59
CA ILE A 109 -12.38 2.34 -5.25
C ILE A 109 -12.58 3.52 -6.18
N ARG A 110 -12.81 4.71 -5.62
CA ARG A 110 -13.05 5.90 -6.40
C ARG A 110 -12.05 6.99 -6.04
N ARG A 111 -11.76 7.85 -7.01
CA ARG A 111 -10.96 9.06 -6.80
C ARG A 111 -11.92 10.24 -6.84
N GLU A 112 -12.14 10.88 -5.69
CA GLU A 112 -13.04 12.01 -5.60
C GLU A 112 -12.32 13.30 -5.91
N SER A 113 -12.97 14.16 -6.68
CA SER A 113 -12.49 15.52 -6.85
C SER A 113 -12.89 16.36 -5.65
N THR A 114 -12.10 17.39 -5.37
CA THR A 114 -12.31 18.24 -4.21
C THR A 114 -12.39 19.70 -4.65
N ASN A 115 -12.99 20.51 -3.78
CA ASN A 115 -12.99 21.95 -3.94
C ASN A 115 -11.69 22.58 -3.48
N GLU A 116 -10.73 21.76 -3.07
CA GLU A 116 -9.49 22.25 -2.49
C GLU A 116 -8.37 22.24 -3.53
N GLU A 117 -7.46 23.19 -3.38
CA GLU A 117 -6.20 23.19 -4.09
C GLU A 117 -5.09 23.46 -3.08
N LEU A 118 -3.88 23.03 -3.43
CA LEU A 118 -2.71 23.25 -2.57
C LEU A 118 -1.65 23.97 -3.38
N TYR A 119 -1.79 25.30 -3.46
CA TYR A 119 -0.80 26.17 -4.08
C TYR A 119 -0.56 25.81 -5.55
N GLY A 120 -1.65 25.75 -6.31
CA GLY A 120 -1.58 25.41 -7.72
C GLY A 120 -1.60 23.94 -8.04
N PHE A 121 -1.66 23.06 -7.04
CA PHE A 121 -1.75 21.62 -7.25
C PHE A 121 -3.18 21.17 -6.99
N ASN A 122 -3.74 20.40 -7.92
CA ASN A 122 -5.08 19.86 -7.74
C ASN A 122 -5.07 18.81 -6.64
N ILE A 123 -6.16 18.78 -5.86
CA ILE A 123 -6.28 17.89 -4.71
C ILE A 123 -7.38 16.87 -5.00
N TYR A 124 -7.05 15.60 -4.83
CA TYR A 124 -7.99 14.50 -4.97
C TYR A 124 -8.04 13.68 -3.70
N GLU A 125 -9.13 12.92 -3.54
CA GLU A 125 -9.30 12.02 -2.41
C GLU A 125 -9.67 10.65 -2.93
N ASP A 126 -8.75 9.69 -2.82
CA ASP A 126 -9.02 8.30 -3.16
C ASP A 126 -9.57 7.59 -1.93
N VAL A 127 -10.80 7.12 -1.99
CA VAL A 127 -11.45 6.47 -0.87
C VAL A 127 -11.46 4.96 -1.12
N TYR A 128 -11.12 4.19 -0.07
CA TYR A 128 -11.02 2.75 -0.12
C TYR A 128 -11.95 2.14 0.91
N PRO A 129 -12.69 1.08 0.57
CA PRO A 129 -13.61 0.47 1.54
C PRO A 129 -12.93 -0.56 2.40
N VAL A 130 -13.33 -0.60 3.68
CA VAL A 130 -12.82 -1.56 4.65
C VAL A 130 -13.99 -2.09 5.46
N ALA A 131 -13.97 -3.40 5.74
CA ALA A 131 -14.97 -4.05 6.56
C ALA A 131 -14.30 -4.57 7.83
N LYS A 132 -14.89 -4.25 8.99
CA LYS A 132 -14.31 -4.59 10.27
C LYS A 132 -15.36 -5.26 11.15
N LYS A 133 -14.90 -6.20 11.98
CA LYS A 133 -15.79 -6.90 12.90
C LYS A 133 -14.98 -7.33 14.12
N GLU A 134 -15.52 -7.06 15.31
CA GLU A 134 -14.89 -7.44 16.56
C GLU A 134 -15.56 -8.69 17.12
N LEU A 135 -14.76 -9.70 17.46
CA LEU A 135 -15.30 -10.92 18.05
C LEU A 135 -15.26 -10.83 19.57
N PRO A 136 -16.20 -11.50 20.25
CA PRO A 136 -16.23 -11.43 21.72
C PRO A 136 -14.94 -11.92 22.38
N SER A 137 -14.22 -12.82 21.74
CA SER A 137 -12.96 -13.35 22.27
C SER A 137 -11.81 -12.35 22.16
N GLY A 138 -12.02 -11.18 21.55
CA GLY A 138 -11.03 -10.13 21.50
C GLY A 138 -10.45 -9.88 20.13
N GLU A 139 -10.54 -10.83 19.21
CA GLU A 139 -9.94 -10.68 17.89
C GLU A 139 -10.78 -9.74 17.02
N PHE A 140 -10.10 -9.11 16.07
CA PHE A 140 -10.74 -8.32 15.03
C PHE A 140 -10.47 -8.99 13.68
N ILE A 141 -11.40 -8.81 12.75
CA ILE A 141 -11.24 -9.28 11.38
C ILE A 141 -11.54 -8.13 10.42
N GLY A 142 -10.59 -7.83 9.55
CA GLY A 142 -10.73 -6.75 8.60
C GLY A 142 -10.67 -7.25 7.17
N ILE A 143 -11.49 -6.66 6.30
CA ILE A 143 -11.44 -6.90 4.87
C ILE A 143 -11.17 -5.57 4.18
N VAL A 144 -10.01 -5.47 3.54
CA VAL A 144 -9.65 -4.27 2.78
C VAL A 144 -9.70 -4.61 1.30
N LEU A 145 -10.09 -3.62 0.50
CA LEU A 145 -10.13 -3.75 -0.95
C LEU A 145 -8.96 -3.00 -1.56
N LYS A 146 -8.41 -3.53 -2.64
CA LYS A 146 -7.31 -2.88 -3.33
C LYS A 146 -7.37 -3.21 -4.81
N HIS A 147 -6.71 -2.38 -5.61
CA HIS A 147 -6.63 -2.64 -7.04
C HIS A 147 -5.80 -3.88 -7.31
N ALA A 148 -6.30 -4.74 -8.19
CA ALA A 148 -5.48 -5.84 -8.70
C ALA A 148 -4.36 -5.24 -9.54
N GLN A 149 -3.13 -5.31 -9.04
CA GLN A 149 -2.04 -4.53 -9.65
C GLN A 149 -1.74 -5.02 -11.07
N ARG A 150 -1.75 -6.32 -11.30
CA ARG A 150 -1.37 -6.83 -12.61
C ARG A 150 -2.53 -6.78 -13.60
N ALA A 151 -3.74 -7.07 -13.16
CA ALA A 151 -4.91 -7.02 -14.01
C ALA A 151 -5.64 -5.69 -13.77
N VAL A 152 -6.92 -5.62 -14.16
CA VAL A 152 -7.79 -4.54 -13.73
C VAL A 152 -9.00 -5.16 -13.04
N GLY A 153 -9.53 -4.44 -12.06
CA GLY A 153 -10.45 -4.97 -11.09
C GLY A 153 -9.87 -4.89 -9.70
N TYR A 154 -10.56 -5.53 -8.75
CA TYR A 154 -10.15 -5.48 -7.36
C TYR A 154 -9.78 -6.88 -6.86
N GLN A 155 -8.91 -6.90 -5.86
CA GLN A 155 -8.68 -8.08 -5.05
C GLN A 155 -8.88 -7.70 -3.59
N SER A 156 -9.59 -8.55 -2.86
CA SER A 156 -9.87 -8.31 -1.46
C SER A 156 -9.00 -9.23 -0.60
N MET A 157 -8.60 -8.72 0.56
CA MET A 157 -7.69 -9.43 1.45
C MET A 157 -8.22 -9.37 2.87
N VAL A 158 -8.15 -10.51 3.56
CA VAL A 158 -8.69 -10.66 4.90
C VAL A 158 -7.56 -10.55 5.91
N TYR A 159 -7.78 -9.77 6.96
CA TYR A 159 -6.86 -9.65 8.08
C TYR A 159 -7.53 -10.14 9.34
N VAL A 160 -6.76 -10.80 10.20
CA VAL A 160 -7.21 -11.14 11.55
C VAL A 160 -6.19 -10.57 12.53
N CYS A 161 -6.67 -9.73 13.45
CA CYS A 161 -5.82 -9.08 14.42
C CYS A 161 -6.01 -9.78 15.77
N ILE A 162 -4.93 -10.37 16.28
CA ILE A 162 -4.97 -11.20 17.48
C ILE A 162 -4.24 -10.44 18.59
N PRO A 163 -4.93 -10.02 19.65
CA PRO A 163 -4.24 -9.39 20.78
C PRO A 163 -3.29 -10.36 21.45
N LEU A 164 -2.17 -9.81 21.93
CA LEU A 164 -1.13 -10.65 22.53
C LEU A 164 -1.63 -11.42 23.74
N THR A 165 -2.69 -10.94 24.40
CA THR A 165 -3.25 -11.66 25.54
C THR A 165 -3.94 -12.96 25.12
N ASN A 166 -4.26 -13.11 23.85
CA ASN A 166 -4.91 -14.32 23.35
C ASN A 166 -3.93 -15.39 22.90
N VAL A 167 -2.62 -15.14 23.03
CA VAL A 167 -1.61 -16.11 22.63
C VAL A 167 -0.73 -16.42 23.84
N GLU A 168 -0.04 -17.56 23.77
CA GLU A 168 0.93 -17.98 24.76
C GLU A 168 2.27 -18.23 24.07
N PRO A 169 3.40 -18.06 24.79
CA PRO A 169 3.53 -17.70 26.20
C PRO A 169 3.32 -16.21 26.47
N SER A 170 3.23 -15.84 27.75
CA SER A 170 3.08 -14.44 28.12
C SER A 170 4.39 -13.70 27.86
N LEU A 171 4.35 -12.70 26.99
CA LEU A 171 5.51 -11.92 26.61
C LEU A 171 5.69 -10.67 27.44
N ALA A 172 4.94 -10.52 28.53
CA ALA A 172 5.00 -9.31 29.33
C ALA A 172 6.40 -9.13 29.94
N GLY A 173 6.94 -7.92 29.77
CA GLY A 173 8.18 -7.55 30.43
C GLY A 173 9.44 -8.20 29.89
N ARG A 174 9.47 -8.52 28.59
CA ARG A 174 10.66 -9.12 28.01
C ARG A 174 10.69 -8.84 26.51
N VAL A 175 11.87 -9.03 25.93
CA VAL A 175 12.08 -8.94 24.48
C VAL A 175 11.81 -10.30 23.86
N ALA A 176 11.20 -10.31 22.68
CA ALA A 176 10.94 -11.56 21.98
C ALA A 176 12.23 -12.35 21.78
N ARG A 177 12.12 -13.68 21.82
CA ARG A 177 13.28 -14.52 21.60
C ARG A 177 13.63 -14.59 20.12
N ARG A 178 14.83 -15.09 19.84
CA ARG A 178 15.24 -15.30 18.46
C ARG A 178 14.34 -16.35 17.82
N ASN A 179 13.82 -16.03 16.63
CA ASN A 179 12.97 -16.94 15.87
C ASN A 179 11.73 -17.37 16.66
N GLU A 180 11.28 -16.54 17.59
CA GLU A 180 10.19 -16.93 18.47
C GLU A 180 8.86 -16.96 17.73
N VAL A 181 8.08 -18.00 17.99
CA VAL A 181 6.71 -18.11 17.51
C VAL A 181 5.82 -18.34 18.72
N VAL A 182 4.59 -17.83 18.65
CA VAL A 182 3.66 -17.92 19.76
C VAL A 182 2.57 -18.93 19.43
N LYS A 183 2.05 -19.55 20.49
CA LYS A 183 0.99 -20.55 20.37
C LYS A 183 -0.36 -19.86 20.47
N TYR A 184 -1.19 -20.01 19.44
CA TYR A 184 -2.50 -19.37 19.38
C TYR A 184 -3.56 -20.44 19.14
N GLU A 185 -4.38 -20.71 20.16
CA GLU A 185 -5.49 -21.65 20.02
C GLU A 185 -6.65 -20.95 19.32
N VAL A 186 -7.06 -21.49 18.19
CA VAL A 186 -8.06 -20.86 17.32
C VAL A 186 -9.44 -21.24 17.82
N PRO A 187 -10.26 -20.30 18.30
CA PRO A 187 -11.64 -20.63 18.66
C PRO A 187 -12.44 -21.03 17.44
N VAL A 188 -13.43 -21.91 17.67
CA VAL A 188 -14.29 -22.36 16.58
C VAL A 188 -15.02 -21.19 15.96
N ASP A 189 -15.50 -20.26 16.79
CA ASP A 189 -16.30 -19.14 16.28
C ASP A 189 -15.47 -18.24 15.37
N LEU A 190 -14.16 -18.15 15.60
CA LEU A 190 -13.31 -17.32 14.73
C LEU A 190 -13.20 -17.92 13.34
N MET A 191 -13.04 -19.25 13.25
CA MET A 191 -12.95 -19.90 11.95
C MET A 191 -14.21 -19.67 11.13
N LYS A 192 -15.38 -19.68 11.78
CA LYS A 192 -16.62 -19.38 11.07
C LYS A 192 -16.63 -17.94 10.56
N GLU A 193 -16.28 -16.99 11.43
CA GLU A 193 -16.31 -15.58 11.03
C GLU A 193 -15.26 -15.29 9.98
N LEU A 194 -14.16 -16.04 9.97
CA LEU A 194 -13.16 -15.87 8.91
C LEU A 194 -13.66 -16.45 7.60
N LEU A 195 -14.34 -17.60 7.65
CA LEU A 195 -14.96 -18.15 6.44
C LEU A 195 -16.03 -17.21 5.92
N LYS A 196 -16.84 -16.63 6.82
CA LYS A 196 -17.85 -15.67 6.41
C LYS A 196 -17.22 -14.42 5.81
N ALA A 197 -16.08 -13.98 6.36
CA ALA A 197 -15.40 -12.80 5.83
C ALA A 197 -15.04 -13.00 4.37
N PHE A 198 -14.45 -14.15 4.04
CA PHE A 198 -14.15 -14.46 2.64
C PHE A 198 -15.42 -14.56 1.80
N ILE A 199 -16.54 -14.95 2.42
CA ILE A 199 -17.78 -15.08 1.67
C ILE A 199 -18.30 -13.72 1.22
N ILE A 200 -18.17 -12.70 2.08
CA ILE A 200 -18.67 -11.37 1.75
C ILE A 200 -17.62 -10.46 1.13
N ALA A 201 -16.36 -10.91 1.04
CA ALA A 201 -15.33 -10.06 0.45
C ALA A 201 -15.59 -9.85 -1.04
N SER A 202 -15.74 -10.94 -1.80
CA SER A 202 -16.02 -10.86 -3.23
C SER A 202 -16.69 -12.16 -3.66
N GLU A 203 -17.33 -12.09 -4.82
CA GLU A 203 -17.96 -13.29 -5.38
C GLU A 203 -16.92 -14.36 -5.67
N THR A 204 -15.76 -13.96 -6.21
CA THR A 204 -14.71 -14.93 -6.49
C THR A 204 -14.25 -15.64 -5.22
N HIS A 205 -14.08 -14.89 -4.13
CA HIS A 205 -13.71 -15.51 -2.85
C HIS A 205 -14.80 -16.44 -2.35
N LYS A 206 -16.06 -16.03 -2.48
CA LYS A 206 -17.17 -16.84 -1.95
C LYS A 206 -17.25 -18.19 -2.65
N ASN A 207 -17.17 -18.18 -3.99
CA ASN A 207 -17.23 -19.45 -4.73
C ASN A 207 -16.05 -20.35 -4.44
N ASP A 208 -14.92 -19.80 -3.99
CA ASP A 208 -13.83 -20.63 -3.48
C ASP A 208 -14.21 -21.26 -2.15
N ILE A 209 -14.85 -20.49 -1.27
CA ILE A 209 -15.31 -21.03 0.01
C ILE A 209 -16.38 -22.08 -0.22
N VAL A 210 -17.35 -21.78 -1.08
CA VAL A 210 -18.46 -22.69 -1.32
C VAL A 210 -17.96 -24.00 -1.92
N LYS A 211 -16.98 -23.93 -2.82
CA LYS A 211 -16.46 -25.14 -3.44
C LYS A 211 -15.71 -26.00 -2.42
N PHE A 212 -14.95 -25.37 -1.53
CA PHE A 212 -14.23 -26.13 -0.51
C PHE A 212 -15.17 -26.71 0.53
N LEU A 213 -16.16 -25.91 0.97
CA LEU A 213 -17.08 -26.38 1.99
C LEU A 213 -17.95 -27.53 1.49
N ARG A 214 -18.32 -27.49 0.20
CA ARG A 214 -19.15 -28.56 -0.34
C ARG A 214 -18.34 -29.82 -0.62
N SER A 215 -17.06 -29.67 -0.95
CA SER A 215 -16.21 -30.85 -1.13
C SER A 215 -15.95 -31.55 0.19
N ILE A 216 -15.97 -30.81 1.30
CA ILE A 216 -15.73 -31.42 2.61
C ILE A 216 -17.00 -32.09 3.12
N ILE A 217 -18.16 -31.54 2.81
CA ILE A 217 -19.44 -32.10 3.23
C ILE A 217 -19.83 -33.27 2.33
N GLU B 2 19.87 2.50 -11.25
CA GLU B 2 19.87 3.94 -10.98
C GLU B 2 19.81 4.75 -12.28
N ALA B 3 19.33 5.98 -12.17
CA ALA B 3 19.23 6.88 -13.31
C ALA B 3 20.40 7.86 -13.29
N SER B 4 21.03 8.06 -14.44
CA SER B 4 22.15 8.97 -14.56
C SER B 4 21.67 10.31 -15.09
N VAL B 5 22.23 11.37 -14.54
CA VAL B 5 21.83 12.74 -14.86
C VAL B 5 22.94 13.38 -15.68
N SER B 6 22.57 14.05 -16.77
CA SER B 6 23.54 14.69 -17.62
C SER B 6 23.59 16.19 -17.32
N ILE B 12 19.62 20.40 -19.13
CA ILE B 12 20.14 19.22 -18.44
C ILE B 12 19.30 18.00 -18.80
N VAL B 13 19.88 16.81 -18.64
CA VAL B 13 19.27 15.58 -19.16
C VAL B 13 19.42 14.45 -18.16
N VAL B 14 18.44 13.54 -18.17
CA VAL B 14 18.47 12.34 -17.37
C VAL B 14 18.31 11.11 -18.28
N ARG B 15 18.74 9.98 -17.75
CA ARG B 15 18.75 8.70 -18.46
C ARG B 15 18.03 7.67 -17.60
N LEU B 16 16.85 7.24 -18.04
CA LEU B 16 16.00 6.38 -17.21
C LEU B 16 15.88 4.99 -17.82
N PRO B 17 16.08 3.94 -17.02
CA PRO B 17 15.98 2.58 -17.54
C PRO B 17 14.53 2.13 -17.73
N ILE B 18 14.31 1.35 -18.78
CA ILE B 18 12.95 0.95 -19.16
C ILE B 18 12.61 -0.47 -18.70
N THR B 19 13.62 -1.27 -18.36
CA THR B 19 13.47 -2.71 -18.14
C THR B 19 13.58 -3.12 -16.67
N ARG B 20 13.09 -2.27 -15.76
CA ARG B 20 13.14 -2.57 -14.32
C ARG B 20 11.80 -2.22 -13.69
N PRO B 21 10.77 -3.04 -13.92
CA PRO B 21 9.45 -2.72 -13.37
C PRO B 21 9.37 -2.77 -11.85
N THR B 22 10.36 -3.36 -11.18
CA THR B 22 10.38 -3.44 -9.73
C THR B 22 11.13 -2.26 -9.10
N SER B 23 11.67 -1.36 -9.90
CA SER B 23 12.48 -0.25 -9.40
C SER B 23 11.57 0.94 -9.08
N LYS B 24 12.17 2.07 -8.73
CA LYS B 24 11.44 3.33 -8.62
C LYS B 24 11.11 3.90 -9.99
N ILE B 25 11.72 3.37 -11.05
CA ILE B 25 11.48 3.81 -12.43
C ILE B 25 10.85 2.63 -13.15
N ARG B 26 9.59 2.77 -13.55
CA ARG B 26 8.84 1.70 -14.18
C ARG B 26 7.92 2.28 -15.25
N VAL B 27 7.77 1.56 -16.35
CA VAL B 27 6.89 1.97 -17.45
C VAL B 27 5.51 1.40 -17.18
N LYS B 28 4.49 2.26 -17.28
CA LYS B 28 3.11 1.84 -17.07
C LYS B 28 2.27 2.24 -18.27
N LYS B 29 1.10 1.62 -18.39
CA LYS B 29 0.14 1.94 -19.43
C LYS B 29 -1.22 2.16 -18.79
N ILE B 30 -1.88 3.24 -19.19
CA ILE B 30 -3.24 3.51 -18.70
C ILE B 30 -4.18 2.48 -19.31
N GLU B 31 -4.85 1.72 -18.45
CA GLU B 31 -5.85 0.74 -18.87
C GLU B 31 -7.00 0.79 -17.89
N ASN B 32 -8.20 1.04 -18.41
CA ASN B 32 -9.40 1.22 -17.58
C ASN B 32 -9.21 2.34 -16.56
N GLY B 33 -8.39 3.33 -16.91
CA GLY B 33 -8.17 4.49 -16.07
C GLY B 33 -7.08 4.37 -15.03
N VAL B 34 -6.57 3.17 -14.79
CA VAL B 34 -5.54 2.95 -13.78
C VAL B 34 -4.25 2.55 -14.47
N GLY B 35 -3.12 2.95 -13.87
CA GLY B 35 -1.82 2.58 -14.40
C GLY B 35 -1.49 1.14 -14.04
N ILE B 36 -1.17 0.35 -15.05
CA ILE B 36 -0.81 -1.06 -14.84
C ILE B 36 0.62 -1.27 -15.32
N PRO B 37 1.37 -2.18 -14.71
CA PRO B 37 2.75 -2.43 -15.17
C PRO B 37 2.77 -3.05 -16.55
N VAL B 38 3.79 -2.70 -17.32
CA VAL B 38 3.96 -3.17 -18.69
C VAL B 38 5.17 -4.09 -18.75
N SER B 39 4.99 -5.26 -19.36
CA SER B 39 6.10 -6.16 -19.65
C SER B 39 6.70 -5.69 -20.98
N THR B 40 7.62 -4.71 -20.88
CA THR B 40 8.19 -4.06 -22.06
C THR B 40 9.03 -5.00 -22.92
N ARG B 41 9.15 -6.27 -22.55
CA ARG B 41 9.98 -7.21 -23.29
C ARG B 41 9.20 -8.38 -23.88
N LYS B 42 7.98 -8.66 -23.39
CA LYS B 42 7.15 -9.71 -23.94
C LYS B 42 6.01 -9.19 -24.79
N LYS B 43 5.72 -7.88 -24.76
CA LYS B 43 4.64 -7.30 -25.52
C LYS B 43 5.17 -6.08 -26.26
N SER B 44 4.87 -6.01 -27.56
CA SER B 44 5.36 -4.91 -28.40
C SER B 44 4.56 -3.64 -28.13
N PHE B 45 5.26 -2.53 -28.01
CA PHE B 45 4.59 -1.26 -27.78
C PHE B 45 3.74 -0.88 -28.98
N PRO B 46 2.57 -0.27 -28.78
CA PRO B 46 1.72 0.10 -29.90
C PRO B 46 2.36 1.19 -30.74
N SER B 47 2.05 1.16 -32.04
CA SER B 47 2.55 2.16 -32.97
C SER B 47 1.58 3.30 -33.19
N ASP B 48 0.34 3.17 -32.70
CA ASP B 48 -0.71 4.14 -32.97
C ASP B 48 -0.87 5.14 -31.85
N GLU B 49 -2.11 5.58 -31.60
CA GLU B 49 -2.38 6.57 -30.57
C GLU B 49 -2.31 6.00 -29.17
N ASN B 50 -2.39 4.67 -29.02
CA ASN B 50 -2.32 4.05 -27.70
C ASN B 50 -0.99 4.32 -27.02
N LEU B 51 0.06 4.63 -27.78
CA LEU B 51 1.36 4.95 -27.20
C LEU B 51 1.29 6.13 -26.23
N ARG B 52 0.28 7.00 -26.38
CA ARG B 52 0.10 8.07 -25.41
C ARG B 52 -0.34 7.55 -24.06
N ASP B 53 -1.02 6.38 -24.03
CA ASP B 53 -1.44 5.79 -22.77
C ASP B 53 -0.28 5.19 -21.99
N TYR B 54 0.89 5.05 -22.60
CA TYR B 54 2.06 4.53 -21.93
C TYR B 54 2.87 5.66 -21.33
N TYR B 55 3.41 5.43 -20.13
CA TYR B 55 4.21 6.44 -19.46
C TYR B 55 5.20 5.77 -18.52
N ILE B 56 6.29 6.49 -18.24
CA ILE B 56 7.27 6.07 -17.25
C ILE B 56 6.89 6.69 -15.92
N GLU B 57 6.79 5.87 -14.88
CA GLU B 57 6.52 6.34 -13.53
C GLU B 57 7.81 6.32 -12.73
N TRP B 58 8.26 7.50 -12.31
CA TRP B 58 9.50 7.65 -11.56
C TRP B 58 9.17 8.28 -10.21
N GLN B 59 9.22 7.46 -9.16
CA GLN B 59 9.20 7.96 -7.80
C GLN B 59 10.50 8.70 -7.53
N ILE B 60 10.51 10.03 -7.73
CA ILE B 60 11.72 10.82 -7.66
C ILE B 60 12.06 11.16 -6.22
N SER B 61 13.35 11.10 -5.89
CA SER B 61 13.86 11.47 -4.59
C SER B 61 14.56 12.82 -4.68
N PHE B 62 14.60 13.51 -3.54
CA PHE B 62 15.23 14.82 -3.47
C PHE B 62 16.67 14.74 -2.98
N ALA B 63 16.92 14.07 -1.86
CA ALA B 63 18.24 14.02 -1.26
C ALA B 63 18.66 12.59 -1.01
N ARG B 64 19.98 12.40 -0.92
CA ARG B 64 20.58 11.12 -0.55
C ARG B 64 21.77 11.40 0.37
N ASP B 65 22.00 10.49 1.31
CA ASP B 65 23.08 10.63 2.30
C ASP B 65 22.92 11.92 3.12
N GLY B 66 21.71 12.47 3.15
CA GLY B 66 21.47 13.73 3.81
C GLY B 66 22.21 14.87 3.14
N LYS B 67 22.76 14.61 1.95
CA LYS B 67 23.52 15.60 1.20
C LYS B 67 22.86 15.80 -0.16
N TYR B 68 22.93 17.04 -0.66
CA TYR B 68 22.07 17.48 -1.75
C TYR B 68 22.82 17.36 -3.08
N ASP B 69 22.75 16.16 -3.67
CA ASP B 69 23.27 15.92 -5.00
C ASP B 69 22.84 14.53 -5.50
N TYR B 70 21.53 14.33 -5.61
CA TYR B 70 20.96 13.08 -6.09
C TYR B 70 19.64 13.37 -6.79
N GLU B 71 19.53 12.95 -8.05
CA GLU B 71 18.33 13.16 -8.86
C GLU B 71 17.90 14.62 -8.87
N LEU B 72 16.80 14.95 -8.19
CA LEU B 72 16.24 16.29 -8.28
C LEU B 72 17.21 17.35 -7.76
N SER B 73 17.79 17.10 -6.58
CA SER B 73 18.73 18.08 -6.03
C SER B 73 19.95 18.25 -6.93
N ARG B 74 20.33 17.22 -7.66
CA ARG B 74 21.43 17.37 -8.61
C ARG B 74 20.99 18.16 -9.84
N MET B 75 19.77 17.92 -10.32
CA MET B 75 19.24 18.69 -11.43
C MET B 75 19.24 20.18 -11.12
N VAL B 76 18.63 20.55 -9.99
CA VAL B 76 18.34 21.95 -9.69
C VAL B 76 19.63 22.76 -9.60
N ARG B 77 20.64 22.22 -8.93
CA ARG B 77 21.86 22.99 -8.75
C ARG B 77 22.72 23.00 -10.01
N LEU B 78 22.70 21.92 -10.78
CA LEU B 78 23.30 21.95 -12.11
C LEU B 78 22.71 23.06 -12.95
N ALA B 79 21.42 23.35 -12.79
CA ALA B 79 20.77 24.32 -13.66
C ALA B 79 21.00 25.76 -13.18
N HIS B 80 21.17 25.94 -11.88
CA HIS B 80 21.62 27.24 -11.40
C HIS B 80 23.05 27.51 -11.85
N GLU B 81 23.95 26.53 -11.72
CA GLU B 81 25.33 26.72 -12.13
C GLU B 81 25.46 26.98 -13.62
N HIS B 82 24.46 26.60 -14.42
CA HIS B 82 24.44 26.85 -15.85
C HIS B 82 23.58 28.06 -16.22
N GLY B 83 23.14 28.84 -15.22
CA GLY B 83 22.25 29.94 -15.48
C GLY B 83 20.86 29.56 -15.95
N ILE B 84 20.55 28.27 -16.03
CA ILE B 84 19.22 27.84 -16.44
C ILE B 84 18.17 28.32 -15.44
N LEU B 85 18.52 28.38 -14.15
CA LEU B 85 17.70 28.96 -13.11
C LEU B 85 18.28 30.29 -12.66
N THR B 86 17.53 31.38 -12.86
CA THR B 86 18.02 32.69 -12.47
C THR B 86 18.02 32.82 -10.95
N TYR B 87 18.64 33.91 -10.49
CA TYR B 87 18.62 34.22 -9.06
C TYR B 87 17.19 34.38 -8.56
N ASN B 88 16.34 35.01 -9.36
CA ASN B 88 14.95 35.25 -8.96
C ASN B 88 14.09 33.99 -9.06
N ASP B 89 14.50 33.00 -9.85
CA ASP B 89 13.85 31.69 -9.78
C ASP B 89 13.94 31.12 -8.37
N ILE B 90 15.12 31.16 -7.78
CA ILE B 90 15.32 30.58 -6.46
C ILE B 90 14.69 31.47 -5.39
N TYR B 91 14.69 32.80 -5.58
CA TYR B 91 13.99 33.69 -4.68
C TYR B 91 12.50 33.36 -4.64
N GLU B 92 11.84 33.39 -5.81
CA GLU B 92 10.40 33.17 -5.84
C GLU B 92 10.05 31.72 -5.54
N LEU B 93 11.00 30.79 -5.70
CA LEU B 93 10.80 29.45 -5.17
C LEU B 93 10.83 29.45 -3.64
N LEU B 94 11.69 30.28 -3.05
CA LEU B 94 11.77 30.37 -1.60
C LEU B 94 10.68 31.27 -1.04
N LYS B 95 10.37 32.38 -1.72
CA LYS B 95 9.24 33.20 -1.29
C LYS B 95 7.94 32.40 -1.36
N PHE B 96 7.81 31.53 -2.37
CA PHE B 96 6.70 30.60 -2.42
C PHE B 96 6.71 29.68 -1.20
N ALA B 97 7.89 29.17 -0.85
CA ALA B 97 8.00 28.31 0.34
C ALA B 97 7.71 29.10 1.61
N ASP B 98 8.10 30.38 1.64
CA ASP B 98 7.89 31.18 2.84
C ASP B 98 6.41 31.47 3.08
N ASP B 99 5.60 31.46 2.03
CA ASP B 99 4.17 31.68 2.15
C ASP B 99 3.36 30.40 2.26
N VAL B 100 3.97 29.23 2.02
CA VAL B 100 3.25 27.96 2.11
C VAL B 100 3.04 27.61 3.58
N LYS B 101 1.77 27.47 3.97
CA LYS B 101 1.42 27.04 5.32
C LYS B 101 1.04 25.57 5.37
N SER B 102 0.08 25.14 4.55
CA SER B 102 -0.42 23.78 4.63
C SER B 102 0.29 22.87 3.63
N TYR B 103 0.30 21.59 3.96
CA TYR B 103 0.96 20.56 3.15
C TYR B 103 0.04 19.37 3.02
N LEU B 104 0.36 18.47 2.08
CA LEU B 104 -0.44 17.27 1.92
C LEU B 104 -0.40 16.40 3.16
N GLU B 105 0.70 16.45 3.91
CA GLU B 105 0.79 15.72 5.17
C GLU B 105 -0.27 16.19 6.15
N ASP B 106 -0.57 17.50 6.14
CA ASP B 106 -1.60 18.04 7.04
C ASP B 106 -2.98 17.46 6.74
N LYS B 107 -3.21 16.97 5.52
CA LYS B 107 -4.48 16.33 5.21
C LYS B 107 -4.61 14.98 5.91
N GLY B 108 -3.50 14.24 6.04
CA GLY B 108 -3.50 12.99 6.78
C GLY B 108 -4.33 11.89 6.15
N ILE B 109 -4.36 10.72 6.77
CA ILE B 109 -5.16 9.60 6.30
C ILE B 109 -6.23 9.32 7.34
N ARG B 110 -7.49 9.37 6.92
CA ARG B 110 -8.63 9.25 7.82
C ARG B 110 -9.41 7.98 7.50
N ARG B 111 -10.02 7.41 8.52
CA ARG B 111 -10.97 6.30 8.35
C ARG B 111 -12.34 6.81 8.75
N GLU B 112 -13.14 7.15 7.75
CA GLU B 112 -14.49 7.65 7.97
C GLU B 112 -15.47 6.48 8.08
N SER B 113 -16.38 6.57 9.05
CA SER B 113 -17.34 5.52 9.31
C SER B 113 -18.62 5.79 8.53
N THR B 114 -19.04 4.81 7.73
CA THR B 114 -20.36 4.83 7.12
C THR B 114 -21.33 4.07 8.03
N ASN B 115 -22.61 4.37 7.87
CA ASN B 115 -23.65 3.72 8.64
C ASN B 115 -24.05 2.36 8.08
N GLU B 116 -23.24 1.81 7.16
CA GLU B 116 -23.56 0.55 6.51
C GLU B 116 -23.00 -0.63 7.30
N GLU B 117 -23.69 -1.76 7.21
CA GLU B 117 -23.26 -3.01 7.83
C GLU B 117 -23.41 -4.12 6.79
N LEU B 118 -22.31 -4.79 6.48
CA LEU B 118 -22.28 -5.83 5.45
C LEU B 118 -22.31 -7.18 6.15
N TYR B 119 -23.52 -7.71 6.36
CA TYR B 119 -23.74 -9.03 6.95
C TYR B 119 -23.00 -9.16 8.29
N GLY B 120 -23.23 -8.18 9.17
CA GLY B 120 -22.62 -8.17 10.48
C GLY B 120 -21.29 -7.45 10.56
N PHE B 121 -20.71 -7.06 9.43
CA PHE B 121 -19.43 -6.37 9.42
C PHE B 121 -19.66 -4.87 9.26
N ASN B 122 -18.98 -4.07 10.07
CA ASN B 122 -19.07 -2.62 9.95
C ASN B 122 -18.23 -2.15 8.78
N ILE B 123 -18.78 -1.24 7.97
CA ILE B 123 -18.15 -0.76 6.76
C ILE B 123 -17.64 0.65 7.00
N TYR B 124 -16.37 0.89 6.65
CA TYR B 124 -15.74 2.20 6.77
C TYR B 124 -15.14 2.59 5.43
N GLU B 125 -14.55 3.77 5.37
CA GLU B 125 -13.84 4.25 4.18
C GLU B 125 -12.55 4.93 4.61
N ASP B 126 -11.44 4.53 4.00
CA ASP B 126 -10.16 5.21 4.16
C ASP B 126 -9.96 6.19 3.02
N VAL B 127 -9.73 7.45 3.35
CA VAL B 127 -9.52 8.51 2.36
C VAL B 127 -8.04 8.86 2.33
N TYR B 128 -7.44 8.79 1.15
CA TYR B 128 -6.04 9.11 0.96
C TYR B 128 -5.89 10.40 0.17
N PRO B 129 -5.13 11.37 0.66
CA PRO B 129 -5.00 12.64 -0.05
C PRO B 129 -3.90 12.55 -1.11
N VAL B 130 -4.20 13.09 -2.30
CA VAL B 130 -3.27 13.07 -3.41
C VAL B 130 -3.22 14.47 -4.01
N ALA B 131 -2.00 14.96 -4.26
CA ALA B 131 -1.80 16.21 -4.98
C ALA B 131 -1.31 15.88 -6.39
N LYS B 132 -1.92 16.51 -7.39
CA LYS B 132 -1.66 16.17 -8.78
C LYS B 132 -1.58 17.45 -9.61
N LYS B 133 -0.63 17.51 -10.53
CA LYS B 133 -0.49 18.66 -11.41
C LYS B 133 -0.04 18.18 -12.78
N GLU B 134 -0.67 18.73 -13.81
CA GLU B 134 -0.35 18.42 -15.20
C GLU B 134 0.45 19.56 -15.81
N LEU B 135 1.54 19.24 -16.54
CA LEU B 135 2.26 20.32 -17.18
C LEU B 135 2.00 20.30 -18.68
N PRO B 136 2.02 21.47 -19.33
CA PRO B 136 1.58 21.57 -20.74
C PRO B 136 2.24 20.58 -21.68
N SER B 137 3.46 20.14 -21.39
CA SER B 137 4.15 19.20 -22.25
C SER B 137 3.69 17.75 -22.06
N GLY B 138 2.80 17.48 -21.10
CA GLY B 138 2.21 16.17 -20.92
C GLY B 138 2.61 15.49 -19.63
N GLU B 139 3.66 15.94 -18.97
CA GLU B 139 4.12 15.28 -17.75
C GLU B 139 3.16 15.55 -16.60
N PHE B 140 3.09 14.59 -15.67
CA PHE B 140 2.29 14.71 -14.47
C PHE B 140 3.19 14.63 -13.24
N ILE B 141 2.80 15.34 -12.20
CA ILE B 141 3.50 15.31 -10.92
C ILE B 141 2.51 14.88 -9.85
N GLY B 142 2.84 13.79 -9.16
CA GLY B 142 1.95 13.22 -8.15
C GLY B 142 2.58 13.30 -6.77
N ILE B 143 1.78 13.69 -5.79
CA ILE B 143 2.19 13.72 -4.39
C ILE B 143 1.20 12.85 -3.62
N VAL B 144 1.69 11.75 -3.06
CA VAL B 144 0.84 10.80 -2.35
C VAL B 144 1.27 10.74 -0.90
N LEU B 145 0.31 10.40 -0.03
CA LEU B 145 0.53 10.30 1.40
C LEU B 145 0.38 8.86 1.84
N LYS B 146 1.32 8.40 2.66
CA LYS B 146 1.31 7.03 3.16
C LYS B 146 1.65 7.04 4.64
N HIS B 147 1.08 6.08 5.37
CA HIS B 147 1.41 5.93 6.78
C HIS B 147 2.89 5.62 6.94
N ALA B 148 3.55 6.36 7.84
CA ALA B 148 4.96 6.17 8.08
C ALA B 148 5.22 4.75 8.56
N GLN B 149 6.00 3.99 7.80
CA GLN B 149 6.30 2.61 8.16
C GLN B 149 7.15 2.51 9.42
N ARG B 150 7.89 3.56 9.77
CA ARG B 150 8.81 3.47 10.89
C ARG B 150 8.11 3.70 12.23
N ALA B 151 7.16 4.63 12.26
CA ALA B 151 6.47 4.97 13.51
C ALA B 151 5.23 5.81 13.23
N VAL B 152 4.75 6.54 14.24
CA VAL B 152 3.60 7.40 14.07
C VAL B 152 3.96 8.54 13.13
N GLY B 153 3.01 8.95 12.29
CA GLY B 153 3.16 10.05 11.38
C GLY B 153 2.89 9.63 9.96
N TYR B 154 3.30 10.48 9.02
CA TYR B 154 3.12 10.25 7.60
C TYR B 154 4.44 10.45 6.86
N GLN B 155 4.53 9.84 5.69
CA GLN B 155 5.63 10.06 4.77
C GLN B 155 5.05 10.44 3.41
N SER B 156 5.61 11.49 2.81
CA SER B 156 5.15 11.98 1.52
C SER B 156 6.14 11.56 0.44
N MET B 157 5.62 11.23 -0.74
CA MET B 157 6.44 10.76 -1.84
C MET B 157 5.99 11.41 -3.14
N VAL B 158 6.95 11.83 -3.94
CA VAL B 158 6.71 12.56 -5.18
C VAL B 158 6.96 11.65 -6.36
N TYR B 159 6.06 11.68 -7.34
CA TYR B 159 6.19 10.91 -8.57
C TYR B 159 6.18 11.85 -9.77
N VAL B 160 6.89 11.45 -10.82
CA VAL B 160 6.85 12.12 -12.11
C VAL B 160 6.44 11.10 -13.15
N CYS B 161 5.35 11.37 -13.86
CA CYS B 161 4.86 10.50 -14.92
C CYS B 161 5.20 11.14 -16.27
N ILE B 162 6.05 10.47 -17.04
CA ILE B 162 6.56 10.97 -18.30
C ILE B 162 5.98 10.12 -19.42
N PRO B 163 5.27 10.71 -20.38
CA PRO B 163 4.73 9.92 -21.49
C PRO B 163 5.84 9.37 -22.37
N LEU B 164 5.62 8.16 -22.88
CA LEU B 164 6.60 7.56 -23.79
C LEU B 164 6.75 8.35 -25.08
N THR B 165 5.77 9.20 -25.41
CA THR B 165 5.89 10.07 -26.58
C THR B 165 6.86 11.22 -26.35
N ASN B 166 7.17 11.54 -25.10
CA ASN B 166 8.11 12.60 -24.75
C ASN B 166 9.54 12.09 -24.58
N VAL B 167 9.86 10.96 -25.18
CA VAL B 167 11.05 10.19 -24.83
C VAL B 167 11.58 9.52 -26.09
N GLU B 168 12.91 9.54 -26.26
CA GLU B 168 13.54 8.99 -27.46
C GLU B 168 14.73 8.12 -27.09
N PRO B 169 14.95 7.00 -27.80
CA PRO B 169 14.29 6.60 -29.05
C PRO B 169 12.82 6.19 -28.91
N SER B 170 12.02 6.53 -29.92
CA SER B 170 10.62 6.15 -29.94
C SER B 170 10.50 4.64 -30.00
N LEU B 171 9.71 4.07 -29.08
CA LEU B 171 9.60 2.63 -28.94
C LEU B 171 8.35 2.07 -29.62
N ALA B 172 7.79 2.78 -30.59
CA ALA B 172 6.60 2.32 -31.27
C ALA B 172 6.91 1.08 -32.11
N GLY B 173 6.07 0.05 -31.96
CA GLY B 173 6.18 -1.13 -32.79
C GLY B 173 7.33 -2.06 -32.47
N ARG B 174 7.82 -2.04 -31.23
CA ARG B 174 8.89 -2.96 -30.87
C ARG B 174 8.91 -3.14 -29.36
N VAL B 175 9.70 -4.13 -28.95
CA VAL B 175 9.95 -4.47 -27.55
C VAL B 175 11.15 -3.64 -27.08
N ALA B 176 11.34 -3.53 -25.77
CA ALA B 176 12.48 -2.80 -25.23
C ALA B 176 13.78 -3.56 -25.44
N ARG B 177 14.89 -2.82 -25.36
CA ARG B 177 16.22 -3.39 -25.40
C ARG B 177 16.67 -3.79 -24.00
N ARG B 178 17.64 -4.70 -23.93
CA ARG B 178 18.04 -5.25 -22.64
C ARG B 178 18.87 -4.20 -21.89
N ASN B 179 18.50 -3.96 -20.63
CA ASN B 179 19.04 -2.85 -19.87
C ASN B 179 18.89 -1.55 -20.66
N GLU B 180 17.81 -1.44 -21.44
CA GLU B 180 17.60 -0.24 -22.24
C GLU B 180 17.47 0.97 -21.33
N VAL B 181 18.20 2.02 -21.67
CA VAL B 181 18.13 3.31 -21.00
C VAL B 181 17.76 4.35 -22.04
N VAL B 182 16.78 5.18 -21.72
CA VAL B 182 16.25 6.10 -22.72
C VAL B 182 16.37 7.51 -22.17
N LYS B 183 16.59 8.45 -23.10
CA LYS B 183 16.99 9.82 -22.79
C LYS B 183 15.76 10.73 -22.80
N TYR B 184 15.61 11.52 -21.74
CA TYR B 184 14.51 12.46 -21.62
C TYR B 184 15.07 13.84 -21.29
N GLU B 185 14.80 14.81 -22.16
CA GLU B 185 15.20 16.19 -21.87
C GLU B 185 14.27 16.76 -20.81
N VAL B 186 14.84 17.39 -19.79
CA VAL B 186 14.09 17.82 -18.61
C VAL B 186 13.72 19.30 -18.81
N PRO B 187 12.44 19.63 -18.96
CA PRO B 187 12.06 21.04 -19.07
C PRO B 187 12.37 21.79 -17.78
N VAL B 188 12.53 23.11 -17.92
CA VAL B 188 12.97 23.94 -16.80
C VAL B 188 11.90 23.99 -15.71
N ASP B 189 10.65 24.21 -16.10
CA ASP B 189 9.59 24.37 -15.11
C ASP B 189 9.14 23.05 -14.51
N LEU B 190 9.50 21.90 -15.09
CA LEU B 190 9.27 20.63 -14.40
C LEU B 190 10.15 20.55 -13.16
N MET B 191 11.41 20.99 -13.27
CA MET B 191 12.32 20.93 -12.13
C MET B 191 11.83 21.81 -10.99
N LYS B 192 11.26 22.98 -11.32
CA LYS B 192 10.80 23.90 -10.28
C LYS B 192 9.43 23.50 -9.75
N GLU B 193 8.55 22.96 -10.60
CA GLU B 193 7.31 22.40 -10.08
C GLU B 193 7.57 21.13 -9.27
N LEU B 194 8.66 20.43 -9.57
CA LEU B 194 9.06 19.30 -8.72
C LEU B 194 9.53 19.78 -7.36
N LEU B 195 10.26 20.90 -7.32
CA LEU B 195 10.65 21.48 -6.05
C LEU B 195 9.43 21.92 -5.26
N LYS B 196 8.52 22.68 -5.91
CA LYS B 196 7.27 23.06 -5.27
C LYS B 196 6.50 21.85 -4.78
N ALA B 197 6.58 20.73 -5.50
CA ALA B 197 5.92 19.50 -5.04
C ALA B 197 6.47 19.06 -3.69
N PHE B 198 7.79 19.05 -3.55
CA PHE B 198 8.39 18.72 -2.25
C PHE B 198 8.08 19.80 -1.22
N ILE B 199 7.94 21.06 -1.65
CA ILE B 199 7.69 22.14 -0.70
C ILE B 199 6.31 22.00 -0.07
N ILE B 200 5.32 21.53 -0.83
CA ILE B 200 3.95 21.45 -0.34
C ILE B 200 3.64 20.05 0.17
N ALA B 201 4.64 19.16 0.19
CA ALA B 201 4.39 17.80 0.65
C ALA B 201 4.37 17.72 2.17
N SER B 202 5.38 18.28 2.82
CA SER B 202 5.46 18.31 4.27
C SER B 202 6.47 19.39 4.68
N GLU B 203 6.29 19.91 5.89
CA GLU B 203 7.24 20.88 6.41
C GLU B 203 8.65 20.31 6.47
N THR B 204 8.78 19.00 6.74
CA THR B 204 10.08 18.35 6.73
C THR B 204 10.72 18.46 5.35
N HIS B 205 9.95 18.17 4.30
CA HIS B 205 10.48 18.28 2.94
C HIS B 205 10.77 19.73 2.58
N LYS B 206 9.87 20.64 2.95
CA LYS B 206 10.05 22.05 2.61
C LYS B 206 11.30 22.62 3.28
N ASN B 207 11.52 22.31 4.56
CA ASN B 207 12.68 22.83 5.27
C ASN B 207 13.98 22.40 4.60
N ASP B 208 14.02 21.20 4.04
CA ASP B 208 15.22 20.74 3.36
C ASP B 208 15.37 21.37 1.98
N ILE B 209 14.26 21.55 1.27
CA ILE B 209 14.30 22.29 0.01
C ILE B 209 14.70 23.74 0.27
N VAL B 210 14.21 24.32 1.38
CA VAL B 210 14.46 25.72 1.66
C VAL B 210 15.95 25.97 1.87
N LYS B 211 16.59 25.16 2.72
CA LYS B 211 18.00 25.37 3.00
C LYS B 211 18.90 24.84 1.89
N PHE B 212 18.38 24.00 0.98
CA PHE B 212 19.14 23.67 -0.21
C PHE B 212 19.19 24.86 -1.17
N LEU B 213 18.05 25.52 -1.40
CA LEU B 213 18.05 26.69 -2.28
C LEU B 213 18.92 27.81 -1.72
N ARG B 214 18.91 27.99 -0.40
CA ARG B 214 19.75 29.00 0.24
C ARG B 214 21.23 28.69 0.10
N SER B 215 21.59 27.43 -0.10
CA SER B 215 23.01 27.05 -0.16
C SER B 215 23.69 27.58 -1.42
N ILE B 216 22.95 27.74 -2.52
CA ILE B 216 23.55 28.19 -3.76
C ILE B 216 23.10 29.58 -4.19
N ILE B 217 22.10 30.15 -3.54
CA ILE B 217 21.61 31.45 -3.95
C ILE B 217 22.60 32.55 -3.57
#